data_3DTT
#
_entry.id   3DTT
#
_cell.length_a   40.974
_cell.length_b   47.053
_cell.length_c   61.125
_cell.angle_alpha   77.430
_cell.angle_beta   73.210
_cell.angle_gamma   64.330
#
_symmetry.space_group_name_H-M   'P 1'
#
loop_
_entity.id
_entity.type
_entity.pdbx_description
1 polymer 'NADP oxidoreductase'
2 non-polymer 'ACETATE ION'
3 non-polymer 'NADP NICOTINAMIDE-ADENINE-DINUCLEOTIDE PHOSPHATE'
4 non-polymer 'CHLORIDE ION'
5 water water
#
_entity_poly.entity_id   1
_entity_poly.type   'polypeptide(L)'
_entity_poly.pdbx_seq_one_letter_code
;(MSE)GSDKIHHHHHHENLYFQG(MSE)KIAVLGTGTVGRT(MSE)AGALADLGHEVTIGTRDPKATLARAEPDA(MSE)
GAPPFSQWLPEHPHVHLAAFADVAAGAELVVNATEGASSIAALTAAGAENLAGKILVDIANPLDFSHG(MSE)PPTLNPV
NTDSLGEQIQRTFPEAKVVKTLNT(MSE)NASL(MSE)VDPGRAAGGDHSVFVSGNDAAAKAEVATLLKSLGHQDVIDLG
DITTARGAE(MSE)LLPVWIRLWGALGTANFNFKIAR
;
_entity_poly.pdbx_strand_id   A,B
#
loop_
_chem_comp.id
_chem_comp.type
_chem_comp.name
_chem_comp.formula
ACT non-polymer 'ACETATE ION' 'C2 H3 O2 -1'
CL non-polymer 'CHLORIDE ION' 'Cl -1'
NAP non-polymer 'NADP NICOTINAMIDE-ADENINE-DINUCLEOTIDE PHOSPHATE' 'C21 H28 N7 O17 P3'
#
# COMPACT_ATOMS: atom_id res chain seq x y z
N GLY A 19 -14.16 10.39 30.08
CA GLY A 19 -12.67 10.16 30.08
C GLY A 19 -12.32 8.72 30.40
N MSE A 20 -11.85 7.98 29.38
CA MSE A 20 -11.45 6.57 29.55
C MSE A 20 -10.08 6.38 30.18
O MSE A 20 -9.20 7.25 30.09
CB MSE A 20 -11.37 5.86 28.20
CG MSE A 20 -12.67 5.76 27.45
SE MSE A 20 -12.30 4.74 25.85
CE MSE A 20 -11.22 5.98 24.97
N LYS A 21 -9.93 5.22 30.81
CA LYS A 21 -8.65 4.78 31.37
C LYS A 21 -7.95 4.07 30.23
N ILE A 22 -6.89 4.70 29.70
CA ILE A 22 -6.14 4.15 28.56
C ILE A 22 -4.71 3.78 28.99
N ALA A 23 -4.26 2.58 28.65
CA ALA A 23 -2.89 2.13 28.87
C ALA A 23 -2.20 2.13 27.51
N VAL A 24 -1.10 2.86 27.38
CA VAL A 24 -0.30 2.90 26.14
C VAL A 24 0.97 2.07 26.37
N LEU A 25 1.06 0.92 25.71
CA LEU A 25 2.23 0.06 25.82
C LEU A 25 3.25 0.58 24.81
N GLY A 26 4.31 1.22 25.31
CA GLY A 26 5.35 1.77 24.46
C GLY A 26 5.92 3.08 24.95
N THR A 27 7.24 3.18 24.99
CA THR A 27 7.95 4.39 25.44
C THR A 27 8.76 5.09 24.33
N GLY A 28 8.51 4.72 23.06
CA GLY A 28 9.16 5.35 21.91
C GLY A 28 8.34 6.54 21.48
N THR A 29 8.67 7.13 20.34
CA THR A 29 7.95 8.32 19.83
C THR A 29 6.43 8.12 19.71
N VAL A 30 6.00 6.93 19.27
CA VAL A 30 4.56 6.67 19.10
C VAL A 30 3.85 6.66 20.47
N GLY A 31 4.40 5.91 21.42
CA GLY A 31 3.82 5.80 22.77
C GLY A 31 3.74 7.14 23.47
N ARG A 32 4.82 7.91 23.39
CA ARG A 32 4.87 9.26 24.00
C ARG A 32 3.86 10.20 23.33
N THR A 33 3.84 10.18 21.99
CA THR A 33 2.96 11.06 21.21
C THR A 33 1.49 10.77 21.51
N MSE A 34 1.13 9.49 21.50
CA MSE A 34 -0.25 9.06 21.77
C MSE A 34 -0.65 9.31 23.23
O MSE A 34 -1.70 9.88 23.48
CB MSE A 34 -0.45 7.57 21.40
CG MSE A 34 -0.38 7.30 19.89
SE MSE A 34 -1.88 8.17 18.94
CE MSE A 34 -3.33 7.11 19.70
N ALA A 35 0.21 8.92 24.17
CA ALA A 35 -0.06 9.15 25.61
C ALA A 35 -0.34 10.63 25.91
N GLY A 36 0.53 11.50 25.44
CA GLY A 36 0.39 12.95 25.64
C GLY A 36 -0.87 13.52 25.03
N ALA A 37 -1.17 13.14 23.79
CA ALA A 37 -2.38 13.60 23.08
C ALA A 37 -3.67 13.14 23.77
N LEU A 38 -3.70 11.87 24.18
CA LEU A 38 -4.88 11.32 24.88
C LEU A 38 -5.08 11.97 26.24
N ALA A 39 -4.00 12.23 26.98
CA ALA A 39 -4.06 12.94 28.27
C ALA A 39 -4.61 14.36 28.09
N ASP A 40 -4.17 15.04 27.03
CA ASP A 40 -4.68 16.39 26.68
C ASP A 40 -6.17 16.40 26.30
N LEU A 41 -6.67 15.27 25.77
CA LEU A 41 -8.10 15.08 25.46
C LEU A 41 -8.97 14.72 26.68
N GLY A 42 -8.38 14.59 27.87
CA GLY A 42 -9.10 14.29 29.11
C GLY A 42 -9.09 12.85 29.60
N HIS A 43 -8.40 11.97 28.87
CA HIS A 43 -8.32 10.56 29.27
C HIS A 43 -7.31 10.40 30.42
N GLU A 44 -7.53 9.38 31.25
CA GLU A 44 -6.63 9.05 32.35
C GLU A 44 -5.66 8.07 31.72
N VAL A 45 -4.44 8.54 31.45
CA VAL A 45 -3.47 7.76 30.68
C VAL A 45 -2.31 7.21 31.52
N THR A 46 -2.01 5.93 31.29
CA THR A 46 -0.84 5.27 31.84
C THR A 46 0.01 4.84 30.64
N ILE A 47 1.34 4.80 30.85
CA ILE A 47 2.28 4.39 29.82
C ILE A 47 3.05 3.17 30.34
N GLY A 48 3.08 2.11 29.52
CA GLY A 48 3.68 0.84 29.86
C GLY A 48 5.08 0.67 29.30
N THR A 49 5.93 0.04 30.09
CA THR A 49 7.33 -0.26 29.73
C THR A 49 7.71 -1.61 30.36
N ARG A 50 8.82 -2.20 29.93
CA ARG A 50 9.26 -3.49 30.50
C ARG A 50 9.66 -3.34 31.96
N ASP A 51 10.51 -2.37 32.24
CA ASP A 51 11.05 -2.09 33.58
C ASP A 51 11.16 -0.56 33.80
N PRO A 52 10.22 0.04 34.58
CA PRO A 52 10.22 1.50 34.85
C PRO A 52 11.54 2.07 35.36
N LYS A 53 12.22 1.34 36.25
CA LYS A 53 13.52 1.75 36.80
C LYS A 53 14.58 1.83 35.70
N ALA A 54 14.68 0.77 34.89
CA ALA A 54 15.61 0.69 33.77
C ALA A 54 15.36 1.76 32.69
N THR A 55 14.08 1.99 32.37
CA THR A 55 13.67 3.01 31.38
C THR A 55 14.05 4.43 31.82
N LEU A 56 13.73 4.78 33.07
CA LEU A 56 14.07 6.10 33.62
C LEU A 56 15.58 6.32 33.79
N ALA A 57 16.36 5.24 33.93
CA ALA A 57 17.83 5.30 34.05
C ALA A 57 18.59 5.59 32.75
N ARG A 58 17.89 5.63 31.61
CA ARG A 58 18.52 5.88 30.29
C ARG A 58 18.95 7.34 30.11
N ALA A 59 19.88 7.53 29.16
CA ALA A 59 20.52 8.82 28.78
C ALA A 59 19.98 10.13 29.37
N PRO A 67 15.30 12.90 22.99
CA PRO A 67 15.55 13.07 24.42
C PRO A 67 15.29 11.79 25.25
N PRO A 68 15.76 11.77 26.52
CA PRO A 68 15.54 10.60 27.37
C PRO A 68 14.14 10.62 27.98
N PHE A 69 13.57 9.44 28.24
CA PHE A 69 12.22 9.29 28.81
C PHE A 69 12.06 10.04 30.14
N SER A 70 13.10 10.03 30.97
CA SER A 70 13.14 10.77 32.25
C SER A 70 12.93 12.28 32.12
N GLN A 71 13.27 12.87 30.97
CA GLN A 71 13.04 14.29 30.67
C GLN A 71 11.62 14.52 30.12
N TRP A 72 11.12 13.59 29.30
CA TRP A 72 9.76 13.67 28.72
C TRP A 72 8.67 13.56 29.77
N LEU A 73 8.78 12.54 30.63
CA LEU A 73 7.76 12.23 31.65
C LEU A 73 7.28 13.39 32.54
N PRO A 74 8.21 14.18 33.16
CA PRO A 74 7.77 15.35 33.95
C PRO A 74 7.04 16.46 33.18
N GLU A 75 7.20 16.51 31.84
CA GLU A 75 6.46 17.47 30.99
C GLU A 75 5.01 17.03 30.74
N HIS A 76 4.65 15.79 31.11
CA HIS A 76 3.29 15.25 31.01
C HIS A 76 2.93 14.63 32.39
N PRO A 77 2.75 15.50 33.42
CA PRO A 77 2.50 15.05 34.80
C PRO A 77 1.28 14.16 35.03
N HIS A 78 0.25 14.29 34.18
CA HIS A 78 -0.94 13.44 34.28
C HIS A 78 -0.71 11.99 33.81
N VAL A 79 0.36 11.74 33.03
CA VAL A 79 0.69 10.40 32.53
C VAL A 79 1.53 9.65 33.57
N HIS A 80 1.13 8.41 33.88
CA HIS A 80 1.80 7.56 34.87
C HIS A 80 2.56 6.40 34.21
N LEU A 81 3.85 6.26 34.54
CA LEU A 81 4.68 5.15 34.03
C LEU A 81 4.61 3.95 34.96
N ALA A 82 4.47 2.75 34.39
CA ALA A 82 4.52 1.50 35.14
C ALA A 82 4.85 0.32 34.22
N ALA A 83 5.02 -0.87 34.80
CA ALA A 83 5.30 -2.09 34.02
C ALA A 83 4.07 -2.46 33.17
N PHE A 84 4.31 -3.11 32.02
CA PHE A 84 3.24 -3.52 31.08
C PHE A 84 1.99 -4.14 31.75
N ALA A 85 2.23 -5.08 32.65
CA ALA A 85 1.14 -5.80 33.35
C ALA A 85 0.32 -4.89 34.27
N ASP A 86 0.98 -3.94 34.91
CA ASP A 86 0.34 -3.02 35.85
C ASP A 86 -0.51 -1.94 35.17
N VAL A 87 -0.12 -1.51 33.97
CA VAL A 87 -0.92 -0.52 33.21
C VAL A 87 -2.14 -1.16 32.54
N ALA A 88 -1.99 -2.37 31.99
CA ALA A 88 -3.08 -3.08 31.31
C ALA A 88 -4.23 -3.47 32.25
N ALA A 89 -3.89 -3.96 33.44
CA ALA A 89 -4.87 -4.37 34.45
C ALA A 89 -5.88 -3.27 34.79
N GLY A 90 -5.39 -2.07 35.03
CA GLY A 90 -6.24 -0.92 35.37
C GLY A 90 -6.94 -0.22 34.22
N ALA A 91 -6.49 -0.46 32.98
CA ALA A 91 -7.03 0.21 31.80
C ALA A 91 -8.34 -0.38 31.31
N GLU A 92 -9.11 0.48 30.65
CA GLU A 92 -10.37 0.14 29.98
C GLU A 92 -10.09 -0.16 28.50
N LEU A 93 -9.14 0.58 27.91
CA LEU A 93 -8.69 0.40 26.53
C LEU A 93 -7.16 0.36 26.54
N VAL A 94 -6.57 -0.48 25.68
CA VAL A 94 -5.10 -0.65 25.60
C VAL A 94 -4.61 -0.31 24.20
N VAL A 95 -3.51 0.46 24.11
CA VAL A 95 -2.89 0.83 22.83
C VAL A 95 -1.54 0.12 22.74
N ASN A 96 -1.32 -0.64 21.65
CA ASN A 96 -0.04 -1.27 21.39
C ASN A 96 0.79 -0.31 20.54
N ALA A 97 1.83 0.24 21.15
CA ALA A 97 2.81 1.12 20.49
C ALA A 97 4.24 0.57 20.73
N THR A 98 4.38 -0.76 20.71
CA THR A 98 5.66 -1.44 20.90
C THR A 98 6.25 -1.86 19.57
N GLU A 99 7.56 -2.12 19.56
CA GLU A 99 8.30 -2.62 18.39
C GLU A 99 7.54 -3.85 17.87
N GLY A 100 7.15 -3.82 16.59
CA GLY A 100 6.33 -4.86 15.96
C GLY A 100 6.81 -6.28 16.17
N ALA A 101 8.11 -6.47 15.93
CA ALA A 101 8.78 -7.75 16.14
C ALA A 101 8.69 -8.27 17.60
N SER A 102 8.48 -7.36 18.57
CA SER A 102 8.34 -7.67 20.00
C SER A 102 6.93 -7.49 20.60
N SER A 103 5.95 -7.12 19.77
CA SER A 103 4.58 -6.82 20.24
C SER A 103 3.89 -7.99 20.94
N ILE A 104 4.01 -9.19 20.37
CA ILE A 104 3.43 -10.39 20.99
C ILE A 104 4.03 -10.61 22.39
N ALA A 105 5.36 -10.46 22.50
CA ALA A 105 6.04 -10.60 23.80
C ALA A 105 5.62 -9.52 24.81
N ALA A 106 5.50 -8.27 24.35
CA ALA A 106 5.07 -7.15 25.21
C ALA A 106 3.63 -7.38 25.73
N LEU A 107 2.72 -7.74 24.83
CA LEU A 107 1.32 -8.02 25.18
C LEU A 107 1.18 -9.28 26.06
N THR A 108 2.04 -10.29 25.85
CA THR A 108 2.07 -11.48 26.72
C THR A 108 2.48 -11.06 28.15
N ALA A 109 3.48 -10.18 28.25
CA ALA A 109 3.90 -9.61 29.54
C ALA A 109 2.80 -8.77 30.19
N ALA A 110 2.05 -8.02 29.36
CA ALA A 110 0.87 -7.26 29.82
C ALA A 110 -0.16 -8.19 30.48
N GLY A 111 -0.27 -9.41 29.95
CA GLY A 111 -1.13 -10.45 30.49
C GLY A 111 -2.45 -10.55 29.76
N ALA A 112 -2.71 -11.71 29.15
CA ALA A 112 -3.97 -11.99 28.44
C ALA A 112 -5.19 -11.68 29.33
N GLU A 113 -5.12 -12.05 30.60
CA GLU A 113 -6.21 -11.77 31.56
C GLU A 113 -6.55 -10.27 31.68
N ASN A 114 -5.56 -9.40 31.49
CA ASN A 114 -5.75 -7.95 31.54
C ASN A 114 -6.24 -7.31 30.23
N LEU A 115 -6.21 -8.07 29.13
CA LEU A 115 -6.67 -7.64 27.81
C LEU A 115 -8.07 -8.17 27.48
N ALA A 116 -8.52 -9.23 28.17
CA ALA A 116 -9.83 -9.85 27.93
C ALA A 116 -10.99 -8.85 27.99
N GLY A 117 -11.79 -8.82 26.93
CA GLY A 117 -12.97 -7.96 26.83
C GLY A 117 -12.73 -6.49 26.52
N LYS A 118 -11.47 -6.10 26.36
CA LYS A 118 -11.11 -4.70 26.13
C LYS A 118 -10.66 -4.49 24.69
N ILE A 119 -10.83 -3.24 24.25
CA ILE A 119 -10.35 -2.81 22.93
C ILE A 119 -8.82 -2.71 23.01
N LEU A 120 -8.15 -3.32 22.01
CA LEU A 120 -6.70 -3.30 21.88
CA LEU A 120 -6.69 -3.30 21.86
C LEU A 120 -6.38 -2.60 20.55
N VAL A 121 -6.00 -1.32 20.63
CA VAL A 121 -5.67 -0.52 19.44
C VAL A 121 -4.23 -0.85 19.04
N ASP A 122 -4.05 -1.45 17.86
CA ASP A 122 -2.73 -1.89 17.40
C ASP A 122 -2.16 -0.96 16.33
N ILE A 123 -1.11 -0.24 16.71
CA ILE A 123 -0.43 0.73 15.84
C ILE A 123 0.92 0.19 15.34
N ALA A 124 1.34 -1.00 15.80
CA ALA A 124 2.65 -1.53 15.46
C ALA A 124 2.75 -2.02 14.01
N ASN A 125 3.97 -1.96 13.47
CA ASN A 125 4.30 -2.50 12.15
C ASN A 125 5.37 -3.56 12.38
N PRO A 126 5.18 -4.78 11.81
CA PRO A 126 6.12 -5.87 12.02
C PRO A 126 7.31 -5.77 11.07
N LEU A 127 8.07 -4.68 11.22
CA LEU A 127 9.25 -4.42 10.42
C LEU A 127 10.29 -5.48 10.76
N ASP A 128 11.04 -5.89 9.74
CA ASP A 128 12.06 -6.94 9.84
C ASP A 128 13.39 -6.33 9.41
N PHE A 129 14.28 -6.10 10.37
CA PHE A 129 15.62 -5.53 10.13
C PHE A 129 16.73 -6.58 10.02
N SER A 130 16.39 -7.87 10.10
CA SER A 130 17.39 -8.96 10.07
C SER A 130 18.23 -9.10 8.80
N HIS A 131 17.74 -8.58 7.66
CA HIS A 131 18.44 -8.67 6.36
C HIS A 131 18.71 -7.31 5.72
N GLY A 132 19.23 -6.38 6.53
CA GLY A 132 19.59 -5.04 6.05
C GLY A 132 18.44 -4.05 5.86
N MSE A 133 18.73 -2.97 5.11
CA MSE A 133 17.81 -1.86 4.86
C MSE A 133 17.39 -1.72 3.38
O MSE A 133 18.17 -2.03 2.48
CB MSE A 133 18.45 -0.54 5.29
CG MSE A 133 18.89 -0.48 6.74
SE MSE A 133 17.40 -0.66 7.97
CE MSE A 133 16.52 1.06 7.62
N PRO A 134 16.14 -1.23 3.13
CA PRO A 134 15.11 -0.88 4.11
C PRO A 134 14.50 -2.17 4.70
N PRO A 135 13.82 -2.07 5.86
CA PRO A 135 13.22 -3.27 6.41
C PRO A 135 12.10 -3.80 5.54
N THR A 136 11.82 -5.09 5.68
CA THR A 136 10.71 -5.76 5.03
C THR A 136 9.72 -6.06 6.17
N LEU A 137 8.68 -6.85 5.87
CA LEU A 137 7.65 -7.21 6.84
C LEU A 137 7.68 -8.71 7.18
N ASN A 138 7.47 -9.00 8.46
CA ASN A 138 7.36 -10.38 8.94
C ASN A 138 6.47 -10.39 10.20
N PRO A 139 5.23 -10.94 10.12
CA PRO A 139 4.59 -11.62 8.99
C PRO A 139 4.15 -10.67 7.86
N VAL A 140 3.71 -11.27 6.77
CA VAL A 140 3.28 -10.49 5.61
C VAL A 140 2.43 -11.32 4.66
N ASN A 141 1.58 -10.63 3.90
CA ASN A 141 0.86 -11.19 2.75
C ASN A 141 -0.30 -12.15 3.06
N THR A 142 0.03 -13.30 3.65
CA THR A 142 -0.96 -14.31 4.05
C THR A 142 -1.29 -14.23 5.54
N ASP A 143 -0.65 -13.29 6.23
CA ASP A 143 -0.79 -13.09 7.66
C ASP A 143 -0.36 -11.65 8.00
N SER A 144 -0.68 -11.20 9.20
CA SER A 144 -0.35 -9.85 9.65
C SER A 144 -0.14 -9.83 11.16
N LEU A 145 0.57 -8.82 11.65
CA LEU A 145 0.77 -8.66 13.10
C LEU A 145 -0.59 -8.49 13.80
N GLY A 146 -1.50 -7.72 13.20
CA GLY A 146 -2.84 -7.49 13.77
C GLY A 146 -3.58 -8.80 13.99
N GLU A 147 -3.56 -9.66 12.97
CA GLU A 147 -4.16 -11.02 13.10
C GLU A 147 -3.47 -11.88 14.13
N GLN A 148 -2.12 -11.85 14.16
CA GLN A 148 -1.35 -12.63 15.14
C GLN A 148 -1.78 -12.25 16.55
N ILE A 149 -1.85 -10.94 16.80
CA ILE A 149 -2.27 -10.43 18.10
C ILE A 149 -3.70 -10.91 18.44
N GLN A 150 -4.64 -10.76 17.49
CA GLN A 150 -6.01 -11.14 17.75
C GLN A 150 -6.17 -12.63 18.05
N ARG A 151 -5.48 -13.51 17.32
CA ARG A 151 -5.62 -14.95 17.58
C ARG A 151 -4.81 -15.44 18.80
N THR A 152 -3.79 -14.68 19.20
CA THR A 152 -3.04 -14.98 20.43
C THR A 152 -3.86 -14.54 21.67
N PHE A 153 -4.67 -13.48 21.52
CA PHE A 153 -5.52 -12.92 22.58
C PHE A 153 -6.97 -12.87 22.06
N PRO A 154 -7.58 -14.06 21.87
CA PRO A 154 -8.92 -14.11 21.23
C PRO A 154 -10.04 -13.34 21.92
N GLU A 155 -9.93 -13.13 23.23
CA GLU A 155 -10.95 -12.40 23.98
C GLU A 155 -10.72 -10.87 23.97
N ALA A 156 -9.58 -10.41 23.44
CA ALA A 156 -9.31 -8.97 23.26
C ALA A 156 -10.05 -8.55 21.98
N LYS A 157 -10.41 -7.26 21.89
CA LYS A 157 -11.08 -6.71 20.69
C LYS A 157 -10.05 -5.89 19.95
N VAL A 158 -9.31 -6.55 19.05
CA VAL A 158 -8.22 -5.90 18.34
C VAL A 158 -8.72 -4.99 17.22
N VAL A 159 -8.21 -3.76 17.18
CA VAL A 159 -8.49 -2.82 16.09
C VAL A 159 -7.15 -2.26 15.58
N LYS A 160 -6.81 -2.61 14.34
CA LYS A 160 -5.57 -2.12 13.70
C LYS A 160 -5.88 -0.72 13.16
N THR A 161 -5.06 0.26 13.53
CA THR A 161 -5.23 1.63 13.04
C THR A 161 -3.98 2.46 13.31
N LEU A 162 -3.85 3.59 12.60
CA LEU A 162 -2.75 4.59 12.77
C LEU A 162 -1.32 4.16 12.40
N ASN A 163 -1.10 2.88 12.08
CA ASN A 163 0.23 2.36 11.72
C ASN A 163 0.78 2.88 10.38
N THR A 164 -0.09 3.49 9.57
CA THR A 164 0.18 3.94 8.21
C THR A 164 0.73 5.35 8.04
N MSE A 165 1.01 6.04 9.16
CA MSE A 165 1.53 7.41 9.13
C MSE A 165 2.51 7.65 10.26
O MSE A 165 2.51 6.93 11.25
CB MSE A 165 0.37 8.41 9.27
CG MSE A 165 -0.29 8.41 10.63
SE MSE A 165 -2.01 9.26 10.63
CE MSE A 165 -2.98 7.83 9.83
N ASN A 166 3.26 8.74 10.11
CA ASN A 166 4.22 9.19 11.11
C ASN A 166 3.48 9.54 12.43
N ALA A 167 4.14 9.31 13.56
CA ALA A 167 3.57 9.59 14.89
C ALA A 167 2.99 11.00 15.01
N SER A 168 3.71 11.99 14.44
CA SER A 168 3.27 13.41 14.44
C SER A 168 1.84 13.60 13.90
N LEU A 169 1.55 12.90 12.80
CA LEU A 169 0.26 12.96 12.09
C LEU A 169 -0.86 12.16 12.74
N MSE A 170 -0.51 11.24 13.64
CA MSE A 170 -1.53 10.49 14.40
C MSE A 170 -2.30 11.41 15.34
O MSE A 170 -3.48 11.17 15.59
CB MSE A 170 -0.89 9.39 15.25
CG MSE A 170 -0.11 8.33 14.51
SE MSE A 170 0.67 7.07 15.77
CE MSE A 170 1.83 6.11 14.58
N VAL A 171 -1.64 12.44 15.86
CA VAL A 171 -2.24 13.39 16.83
C VAL A 171 -2.48 14.81 16.29
N ASP A 172 -1.81 15.17 15.20
CA ASP A 172 -1.98 16.47 14.55
C ASP A 172 -1.91 16.27 13.03
N PRO A 173 -2.93 15.56 12.45
CA PRO A 173 -2.90 15.29 10.99
C PRO A 173 -2.94 16.53 10.09
N GLY A 174 -3.45 17.66 10.61
CA GLY A 174 -3.45 18.95 9.92
C GLY A 174 -2.09 19.48 9.46
N ARG A 175 -1.00 18.96 10.03
CA ARG A 175 0.36 19.34 9.66
C ARG A 175 0.79 18.98 8.23
N ALA A 176 0.16 17.96 7.63
CA ALA A 176 0.47 17.52 6.26
C ALA A 176 -0.71 17.86 5.36
N ALA A 177 -0.50 18.75 4.37
CA ALA A 177 -1.52 19.13 3.38
C ALA A 177 -2.90 19.49 3.97
N GLY A 178 -2.88 20.25 5.07
CA GLY A 178 -4.12 20.66 5.78
C GLY A 178 -4.98 19.54 6.35
N GLY A 179 -4.39 18.37 6.61
CA GLY A 179 -5.15 17.23 7.13
C GLY A 179 -5.99 16.47 6.14
N ASP A 180 -5.77 16.69 4.84
CA ASP A 180 -6.49 15.96 3.78
C ASP A 180 -5.81 14.58 3.70
N HIS A 181 -6.35 13.61 4.43
CA HIS A 181 -5.76 12.28 4.52
C HIS A 181 -6.81 11.28 4.95
N SER A 182 -6.46 10.00 4.85
CA SER A 182 -7.30 8.89 5.30
C SER A 182 -6.60 8.07 6.37
N VAL A 183 -7.41 7.54 7.29
CA VAL A 183 -6.94 6.63 8.33
CA VAL A 183 -6.96 6.63 8.35
C VAL A 183 -7.83 5.39 8.23
N PHE A 184 -7.26 4.24 8.56
CA PHE A 184 -7.96 2.96 8.41
C PHE A 184 -8.21 2.26 9.71
N VAL A 185 -9.31 1.51 9.77
CA VAL A 185 -9.59 0.62 10.90
C VAL A 185 -9.83 -0.80 10.34
N SER A 186 -9.19 -1.77 10.98
CA SER A 186 -9.39 -3.20 10.68
C SER A 186 -9.68 -3.90 12.01
N GLY A 187 -10.66 -4.80 12.03
CA GLY A 187 -11.01 -5.50 13.27
C GLY A 187 -12.28 -6.32 13.15
N ASN A 188 -12.38 -7.37 13.94
CA ASN A 188 -13.51 -8.29 13.91
C ASN A 188 -14.80 -7.76 14.57
N ASP A 189 -14.66 -6.88 15.57
CA ASP A 189 -15.79 -6.37 16.36
C ASP A 189 -16.16 -4.96 15.86
N ALA A 190 -17.31 -4.85 15.20
CA ALA A 190 -17.79 -3.56 14.63
C ALA A 190 -18.02 -2.49 15.69
N ALA A 191 -18.51 -2.89 16.87
CA ALA A 191 -18.72 -1.95 17.99
C ALA A 191 -17.36 -1.41 18.50
N ALA A 192 -16.35 -2.28 18.57
CA ALA A 192 -14.97 -1.86 18.95
C ALA A 192 -14.43 -0.85 17.94
N LYS A 193 -14.59 -1.16 16.64
CA LYS A 193 -14.16 -0.22 15.59
C LYS A 193 -14.89 1.12 15.67
N ALA A 194 -16.17 1.08 16.04
CA ALA A 194 -16.96 2.32 16.19
C ALA A 194 -16.40 3.19 17.30
N GLU A 195 -16.05 2.58 18.44
CA GLU A 195 -15.44 3.32 19.56
C GLU A 195 -14.09 3.92 19.16
N VAL A 196 -13.28 3.12 18.46
CA VAL A 196 -11.98 3.61 17.96
C VAL A 196 -12.18 4.73 16.94
N ALA A 197 -13.18 4.62 16.05
CA ALA A 197 -13.47 5.70 15.07
C ALA A 197 -13.79 7.03 15.76
N THR A 198 -14.55 6.97 16.87
CA THR A 198 -14.86 8.14 17.68
C THR A 198 -13.56 8.76 18.23
N LEU A 199 -12.68 7.93 18.78
CA LEU A 199 -11.39 8.39 19.30
CA LEU A 199 -11.38 8.40 19.30
C LEU A 199 -10.53 9.03 18.20
N LEU A 200 -10.50 8.38 17.03
CA LEU A 200 -9.73 8.90 15.87
C LEU A 200 -10.24 10.28 15.44
N LYS A 201 -11.57 10.44 15.41
CA LYS A 201 -12.20 11.73 15.07
C LYS A 201 -11.77 12.79 16.08
N SER A 202 -11.72 12.41 17.37
CA SER A 202 -11.29 13.34 18.45
C SER A 202 -9.83 13.81 18.29
N LEU A 203 -9.00 12.97 17.66
CA LEU A 203 -7.60 13.29 17.35
C LEU A 203 -7.44 14.14 16.06
N GLY A 204 -8.53 14.40 15.33
CA GLY A 204 -8.54 15.23 14.12
C GLY A 204 -8.64 14.49 12.78
N HIS A 205 -8.89 13.18 12.82
CA HIS A 205 -8.99 12.35 11.60
C HIS A 205 -10.43 12.37 11.11
N GLN A 206 -10.68 13.12 10.03
CA GLN A 206 -12.04 13.27 9.48
C GLN A 206 -12.46 12.21 8.47
N ASP A 207 -11.52 11.39 7.99
CA ASP A 207 -11.82 10.34 7.02
C ASP A 207 -11.30 8.99 7.51
N VAL A 208 -12.14 8.30 8.29
CA VAL A 208 -11.85 6.97 8.82
C VAL A 208 -12.55 5.98 7.90
N ILE A 209 -11.76 5.07 7.31
CA ILE A 209 -12.25 4.02 6.40
C ILE A 209 -12.11 2.65 7.07
N ASP A 210 -13.24 1.96 7.22
CA ASP A 210 -13.29 0.63 7.82
C ASP A 210 -13.01 -0.38 6.68
N LEU A 211 -11.80 -0.93 6.70
CA LEU A 211 -11.37 -1.92 5.70
C LEU A 211 -12.01 -3.30 5.84
N GLY A 212 -12.55 -3.60 7.02
CA GLY A 212 -13.21 -4.87 7.32
C GLY A 212 -12.61 -5.56 8.52
N ASP A 213 -12.55 -6.90 8.47
CA ASP A 213 -12.11 -7.70 9.60
C ASP A 213 -10.60 -7.59 9.88
N ILE A 214 -10.11 -8.30 10.90
CA ILE A 214 -8.69 -8.21 11.28
C ILE A 214 -7.71 -8.68 10.19
N THR A 215 -8.16 -9.55 9.27
CA THR A 215 -7.31 -9.99 8.14
C THR A 215 -7.03 -8.81 7.19
N THR A 216 -7.86 -7.77 7.23
CA THR A 216 -7.59 -6.55 6.43
C THR A 216 -6.40 -5.73 6.98
N ALA A 217 -5.90 -6.08 8.17
CA ALA A 217 -4.62 -5.53 8.69
C ALA A 217 -3.44 -5.86 7.76
N ARG A 218 -3.59 -6.94 6.97
CA ARG A 218 -2.58 -7.30 5.97
C ARG A 218 -2.34 -6.13 5.03
N GLY A 219 -3.40 -5.62 4.39
CA GLY A 219 -3.28 -4.46 3.49
C GLY A 219 -2.77 -3.20 4.17
N ALA A 220 -3.24 -2.93 5.40
CA ALA A 220 -2.82 -1.75 6.18
C ALA A 220 -1.32 -1.78 6.51
N GLU A 221 -0.85 -2.93 6.98
CA GLU A 221 0.57 -3.14 7.28
C GLU A 221 1.43 -3.09 6.02
N MSE A 222 0.91 -3.65 4.94
CA MSE A 222 1.62 -3.69 3.63
C MSE A 222 1.75 -2.32 2.92
O MSE A 222 2.39 -2.25 1.85
CB MSE A 222 1.05 -4.79 2.73
CG MSE A 222 1.35 -6.18 3.29
SE MSE A 222 0.31 -7.53 2.38
CE MSE A 222 1.42 -7.63 0.86
N LEU A 223 1.14 -1.26 3.48
CA LEU A 223 1.42 0.12 3.04
C LEU A 223 2.81 0.60 3.47
N LEU A 224 3.43 -0.04 4.46
CA LEU A 224 4.75 0.42 4.96
C LEU A 224 5.91 0.46 3.96
N PRO A 225 6.11 -0.62 3.16
CA PRO A 225 7.16 -0.57 2.15
C PRO A 225 7.10 0.64 1.23
N VAL A 226 5.91 1.01 0.71
CA VAL A 226 5.82 2.23 -0.11
C VAL A 226 5.98 3.50 0.74
N TRP A 227 5.47 3.47 1.99
CA TRP A 227 5.65 4.59 2.93
C TRP A 227 7.14 4.91 3.07
N ILE A 228 7.95 3.86 3.31
CA ILE A 228 9.41 4.01 3.48
C ILE A 228 10.05 4.65 2.23
N ARG A 229 9.65 4.20 1.03
CA ARG A 229 10.19 4.78 -0.21
CA ARG A 229 10.23 4.77 -0.20
C ARG A 229 9.69 6.20 -0.46
N LEU A 230 8.46 6.49 -0.04
CA LEU A 230 7.91 7.86 -0.16
C LEU A 230 8.66 8.83 0.77
N TRP A 231 8.99 8.37 1.97
CA TRP A 231 9.80 9.15 2.93
C TRP A 231 11.15 9.53 2.27
N GLY A 232 11.78 8.58 1.59
CA GLY A 232 13.02 8.83 0.86
C GLY A 232 12.80 9.73 -0.35
N ALA A 233 11.77 9.45 -1.14
CA ALA A 233 11.48 10.21 -2.37
C ALA A 233 11.07 11.67 -2.13
N LEU A 234 10.19 11.89 -1.16
CA LEU A 234 9.68 13.23 -0.81
C LEU A 234 10.57 14.03 0.15
N GLY A 235 11.53 13.37 0.80
CA GLY A 235 12.46 14.01 1.73
C GLY A 235 11.89 14.42 3.07
N THR A 236 10.78 13.80 3.48
CA THR A 236 10.10 14.13 4.73
C THR A 236 9.13 13.06 5.14
N ALA A 237 8.86 12.98 6.45
CA ALA A 237 7.84 12.08 6.99
C ALA A 237 6.48 12.79 7.07
N ASN A 238 6.45 14.10 6.73
CA ASN A 238 5.23 14.90 6.79
C ASN A 238 4.38 14.73 5.50
N PHE A 239 3.86 13.53 5.34
CA PHE A 239 2.98 13.18 4.23
C PHE A 239 2.00 12.13 4.74
N ASN A 240 0.92 11.93 3.99
CA ASN A 240 -0.03 10.91 4.36
C ASN A 240 -0.76 10.36 3.16
N PHE A 241 -1.33 9.19 3.34
CA PHE A 241 -2.14 8.55 2.31
C PHE A 241 -3.53 9.16 2.40
N LYS A 242 -4.11 9.42 1.24
CA LYS A 242 -5.49 9.85 1.09
C LYS A 242 -6.11 8.96 0.02
N ILE A 243 -7.28 8.41 0.32
CA ILE A 243 -8.05 7.65 -0.67
C ILE A 243 -9.05 8.64 -1.28
N ALA A 244 -8.83 9.00 -2.54
CA ALA A 244 -9.67 9.95 -3.26
C ALA A 244 -10.81 9.20 -3.93
N ARG A 245 -12.06 9.59 -3.67
CA ARG A 245 -13.22 8.98 -4.33
C ARG A 245 -14.44 9.91 -4.36
N GLY B 19 4.69 10.78 -32.68
CA GLY B 19 4.26 9.61 -31.87
C GLY B 19 5.21 8.43 -31.97
N MSE B 20 5.08 7.50 -31.02
CA MSE B 20 5.88 6.28 -30.92
C MSE B 20 5.12 5.03 -31.37
O MSE B 20 3.88 5.00 -31.40
CB MSE B 20 6.30 6.04 -29.47
CG MSE B 20 7.21 7.08 -28.88
SE MSE B 20 7.63 6.64 -27.03
CE MSE B 20 5.92 6.88 -26.28
N LYS B 21 5.89 4.01 -31.72
CA LYS B 21 5.38 2.70 -32.06
C LYS B 21 5.37 1.97 -30.72
N ILE B 22 4.17 1.66 -30.22
CA ILE B 22 4.00 1.04 -28.91
C ILE B 22 3.33 -0.33 -29.04
N ALA B 23 3.92 -1.35 -28.39
CA ALA B 23 3.33 -2.71 -28.33
C ALA B 23 2.73 -2.85 -26.95
N VAL B 24 1.43 -3.14 -26.88
CA VAL B 24 0.74 -3.38 -25.61
C VAL B 24 0.50 -4.88 -25.53
N LEU B 25 1.24 -5.57 -24.67
CA LEU B 25 1.06 -7.01 -24.48
C LEU B 25 -0.09 -7.21 -23.50
N GLY B 26 -1.25 -7.65 -24.00
CA GLY B 26 -2.42 -7.88 -23.15
C GLY B 26 -3.71 -7.55 -23.87
N THR B 27 -4.65 -8.49 -23.86
CA THR B 27 -5.96 -8.33 -24.52
C THR B 27 -7.10 -8.19 -23.52
N GLY B 28 -6.79 -8.06 -22.23
CA GLY B 28 -7.81 -7.85 -21.20
C GLY B 28 -8.18 -6.39 -21.14
N THR B 29 -8.89 -5.99 -20.07
CA THR B 29 -9.34 -4.60 -19.89
CA THR B 29 -9.34 -4.60 -19.92
C THR B 29 -8.19 -3.58 -19.90
N VAL B 30 -7.09 -3.91 -19.22
CA VAL B 30 -5.95 -2.97 -19.15
C VAL B 30 -5.34 -2.76 -20.53
N GLY B 31 -5.07 -3.85 -21.24
CA GLY B 31 -4.45 -3.79 -22.57
C GLY B 31 -5.29 -2.99 -23.55
N ARG B 32 -6.59 -3.28 -23.56
CA ARG B 32 -7.56 -2.56 -24.42
C ARG B 32 -7.63 -1.08 -24.06
N THR B 33 -7.74 -0.81 -22.76
CA THR B 33 -7.89 0.57 -22.27
C THR B 33 -6.66 1.41 -22.65
N MSE B 34 -5.47 0.87 -22.38
CA MSE B 34 -4.20 1.54 -22.70
C MSE B 34 -3.98 1.68 -24.22
O MSE B 34 -3.63 2.76 -24.68
CB MSE B 34 -3.03 0.80 -22.05
CG MSE B 34 -2.99 0.90 -20.53
SE MSE B 34 -2.63 2.72 -19.91
CE MSE B 34 -0.87 2.92 -20.61
N ALA B 35 -4.20 0.60 -24.97
CA ALA B 35 -4.03 0.62 -26.44
C ALA B 35 -4.92 1.68 -27.09
N GLY B 36 -6.18 1.74 -26.68
CA GLY B 36 -7.15 2.72 -27.19
C GLY B 36 -6.74 4.15 -26.87
N ALA B 37 -6.40 4.41 -25.61
CA ALA B 37 -5.95 5.74 -25.17
C ALA B 37 -4.66 6.23 -25.87
N LEU B 38 -3.69 5.33 -26.01
CA LEU B 38 -2.42 5.66 -26.66
C LEU B 38 -2.61 5.94 -28.15
N ALA B 39 -3.46 5.15 -28.81
CA ALA B 39 -3.83 5.39 -30.22
C ALA B 39 -4.49 6.75 -30.37
N ASP B 40 -5.41 7.08 -29.46
CA ASP B 40 -6.08 8.40 -29.46
C ASP B 40 -5.12 9.58 -29.28
N LEU B 41 -4.01 9.34 -28.57
CA LEU B 41 -2.93 10.35 -28.39
C LEU B 41 -1.98 10.49 -29.61
N GLY B 42 -2.18 9.68 -30.66
CA GLY B 42 -1.36 9.75 -31.88
C GLY B 42 -0.26 8.70 -32.02
N HIS B 43 -0.17 7.77 -31.08
CA HIS B 43 0.85 6.72 -31.15
C HIS B 43 0.38 5.61 -32.09
N GLU B 44 1.34 4.91 -32.68
CA GLU B 44 1.04 3.78 -33.56
C GLU B 44 1.06 2.57 -32.63
N VAL B 45 -0.13 2.05 -32.33
CA VAL B 45 -0.30 1.00 -31.33
C VAL B 45 -0.66 -0.37 -31.89
N THR B 46 0.07 -1.38 -31.43
CA THR B 46 -0.22 -2.78 -31.70
C THR B 46 -0.52 -3.45 -30.37
N ILE B 47 -1.38 -4.47 -30.41
CA ILE B 47 -1.77 -5.25 -29.24
CA ILE B 47 -1.75 -5.22 -29.24
C ILE B 47 -1.25 -6.68 -29.42
N GLY B 48 -0.57 -7.19 -28.40
CA GLY B 48 0.02 -8.53 -28.41
C GLY B 48 -0.84 -9.54 -27.69
N THR B 49 -0.88 -10.76 -28.21
CA THR B 49 -1.65 -11.87 -27.64
C THR B 49 -0.90 -13.18 -27.92
N ARG B 50 -1.25 -14.27 -27.23
CA ARG B 50 -0.58 -15.57 -27.48
C ARG B 50 -0.81 -16.07 -28.90
N ASP B 51 -2.07 -16.11 -29.29
CA ASP B 51 -2.52 -16.64 -30.58
C ASP B 51 -3.66 -15.74 -31.12
N PRO B 52 -3.36 -14.86 -32.11
CA PRO B 52 -4.38 -13.96 -32.68
C PRO B 52 -5.66 -14.64 -33.18
N LYS B 53 -5.52 -15.78 -33.87
CA LYS B 53 -6.68 -16.53 -34.38
C LYS B 53 -7.58 -16.99 -33.22
N ALA B 54 -6.98 -17.56 -32.18
CA ALA B 54 -7.72 -18.02 -30.99
C ALA B 54 -8.39 -16.87 -30.23
N THR B 55 -7.67 -15.76 -30.06
CA THR B 55 -8.22 -14.55 -29.39
C THR B 55 -9.45 -13.99 -30.13
N LEU B 56 -9.34 -13.88 -31.45
CA LEU B 56 -10.44 -13.39 -32.29
C LEU B 56 -11.63 -14.35 -32.35
N ALA B 57 -11.36 -15.66 -32.21
CA ALA B 57 -12.42 -16.70 -32.20
C ALA B 57 -13.25 -16.76 -30.90
N ARG B 58 -12.79 -16.11 -29.82
CA ARG B 58 -13.51 -16.11 -28.52
C ARG B 58 -14.88 -15.42 -28.60
N ALA B 59 -15.93 -16.18 -28.27
CA ALA B 59 -17.32 -15.70 -28.27
C ALA B 59 -17.81 -15.26 -26.89
N GLU B 60 -17.25 -15.83 -25.81
CA GLU B 60 -17.65 -15.51 -24.44
C GLU B 60 -17.14 -14.12 -24.02
N PRO B 61 -17.95 -13.35 -23.25
CA PRO B 61 -17.52 -12.00 -22.82
C PRO B 61 -16.46 -12.03 -21.73
N PRO B 67 -16.68 -7.91 -22.62
CA PRO B 67 -17.02 -8.31 -23.98
C PRO B 67 -15.88 -9.08 -24.69
N PRO B 68 -16.17 -9.72 -25.84
CA PRO B 68 -15.13 -10.45 -26.57
C PRO B 68 -14.24 -9.48 -27.35
N PHE B 69 -12.95 -9.82 -27.43
CA PHE B 69 -11.94 -8.99 -28.13
C PHE B 69 -12.34 -8.61 -29.57
N SER B 70 -12.97 -9.56 -30.28
CA SER B 70 -13.47 -9.34 -31.65
C SER B 70 -14.52 -8.23 -31.77
N GLN B 71 -15.25 -7.94 -30.69
CA GLN B 71 -16.20 -6.83 -30.62
C GLN B 71 -15.50 -5.50 -30.31
N TRP B 72 -14.39 -5.56 -29.56
CA TRP B 72 -13.63 -4.35 -29.21
C TRP B 72 -12.81 -3.80 -30.39
N LEU B 73 -12.04 -4.66 -31.05
CA LEU B 73 -11.10 -4.24 -32.13
C LEU B 73 -11.67 -3.35 -33.28
N PRO B 74 -12.88 -3.67 -33.81
CA PRO B 74 -13.54 -2.82 -34.84
C PRO B 74 -13.82 -1.37 -34.40
N GLU B 75 -13.95 -1.14 -33.09
CA GLU B 75 -14.15 0.21 -32.55
C GLU B 75 -12.83 1.01 -32.43
N HIS B 76 -11.69 0.36 -32.67
CA HIS B 76 -10.37 1.00 -32.59
C HIS B 76 -9.58 0.66 -33.87
N PRO B 77 -10.05 1.18 -35.04
CA PRO B 77 -9.44 0.87 -36.36
C PRO B 77 -7.94 1.11 -36.52
N HIS B 78 -7.35 2.02 -35.73
CA HIS B 78 -5.90 2.28 -35.81
C HIS B 78 -5.03 1.30 -35.04
N VAL B 79 -5.64 0.42 -34.23
CA VAL B 79 -4.92 -0.59 -33.43
C VAL B 79 -4.91 -1.91 -34.19
N HIS B 80 -3.78 -2.61 -34.17
CA HIS B 80 -3.59 -3.87 -34.88
C HIS B 80 -3.15 -4.99 -33.94
N LEU B 81 -3.66 -6.19 -34.20
CA LEU B 81 -3.40 -7.37 -33.37
C LEU B 81 -2.35 -8.28 -34.00
N ALA B 82 -1.46 -8.81 -33.17
CA ALA B 82 -0.51 -9.84 -33.61
C ALA B 82 0.03 -10.60 -32.41
N ALA B 83 0.85 -11.63 -32.66
CA ALA B 83 1.43 -12.42 -31.56
C ALA B 83 2.45 -11.59 -30.79
N PHE B 84 2.68 -11.94 -29.52
CA PHE B 84 3.61 -11.19 -28.64
C PHE B 84 4.94 -10.84 -29.32
N ALA B 85 5.57 -11.84 -29.94
CA ALA B 85 6.88 -11.68 -30.63
C ALA B 85 6.84 -10.68 -31.78
N ASP B 86 5.76 -10.73 -32.57
CA ASP B 86 5.61 -9.84 -33.71
C ASP B 86 5.37 -8.39 -33.32
N VAL B 87 4.56 -8.13 -32.29
CA VAL B 87 4.29 -6.76 -31.84
C VAL B 87 5.50 -6.15 -31.14
N ALA B 88 6.23 -6.94 -30.35
CA ALA B 88 7.43 -6.43 -29.63
C ALA B 88 8.55 -6.09 -30.61
N ALA B 89 8.76 -6.96 -31.60
CA ALA B 89 9.78 -6.75 -32.65
C ALA B 89 9.59 -5.45 -33.43
N GLY B 90 8.33 -5.05 -33.65
CA GLY B 90 8.00 -3.82 -34.37
C GLY B 90 7.91 -2.54 -33.56
N ALA B 91 7.90 -2.63 -32.23
CA ALA B 91 7.70 -1.47 -31.33
C ALA B 91 8.98 -0.84 -30.79
N GLU B 92 8.88 0.46 -30.46
CA GLU B 92 9.96 1.22 -29.82
C GLU B 92 9.84 1.11 -28.30
N LEU B 93 8.60 1.02 -27.81
CA LEU B 93 8.30 0.91 -26.39
C LEU B 93 7.26 -0.21 -26.20
N VAL B 94 7.39 -0.97 -25.11
CA VAL B 94 6.53 -2.11 -24.84
C VAL B 94 5.80 -1.91 -23.50
N VAL B 95 4.50 -2.24 -23.46
CA VAL B 95 3.69 -2.16 -22.24
C VAL B 95 3.28 -3.58 -21.87
N ASN B 96 3.60 -3.99 -20.65
CA ASN B 96 3.17 -5.28 -20.13
C ASN B 96 1.84 -5.10 -19.42
N ALA B 97 0.75 -5.57 -20.05
CA ALA B 97 -0.59 -5.58 -19.46
C ALA B 97 -1.14 -7.02 -19.42
N THR B 98 -0.26 -7.99 -19.12
CA THR B 98 -0.64 -9.40 -19.01
C THR B 98 -0.85 -9.82 -17.57
N GLU B 99 -1.60 -10.92 -17.39
CA GLU B 99 -1.82 -11.55 -16.08
C GLU B 99 -0.46 -11.70 -15.36
N GLY B 100 -0.33 -11.10 -14.17
CA GLY B 100 0.95 -11.07 -13.43
C GLY B 100 1.68 -12.39 -13.28
N ALA B 101 0.92 -13.41 -12.90
CA ALA B 101 1.43 -14.78 -12.74
C ALA B 101 1.99 -15.37 -14.04
N SER B 102 1.59 -14.81 -15.18
CA SER B 102 2.03 -15.20 -16.52
C SER B 102 2.93 -14.20 -17.25
N SER B 103 3.24 -13.06 -16.62
CA SER B 103 4.01 -11.98 -17.28
C SER B 103 5.40 -12.42 -17.78
N ILE B 104 6.13 -13.16 -16.96
CA ILE B 104 7.47 -13.68 -17.35
C ILE B 104 7.34 -14.59 -18.60
N ALA B 105 6.33 -15.45 -18.60
CA ALA B 105 6.04 -16.35 -19.73
C ALA B 105 5.70 -15.56 -20.99
N ALA B 106 4.84 -14.54 -20.84
CA ALA B 106 4.42 -13.66 -21.97
C ALA B 106 5.60 -12.91 -22.58
N LEU B 107 6.39 -12.27 -21.73
CA LEU B 107 7.57 -11.49 -22.14
C LEU B 107 8.66 -12.39 -22.76
N THR B 108 8.81 -13.61 -22.25
CA THR B 108 9.74 -14.60 -22.83
C THR B 108 9.30 -14.94 -24.25
N ALA B 109 7.99 -15.10 -24.44
CA ALA B 109 7.39 -15.35 -25.77
C ALA B 109 7.59 -14.13 -26.69
N ALA B 110 7.49 -12.92 -26.11
CA ALA B 110 7.76 -11.66 -26.84
C ALA B 110 9.20 -11.63 -27.39
N GLY B 111 10.12 -12.23 -26.64
CA GLY B 111 11.52 -12.39 -27.04
C GLY B 111 12.42 -11.36 -26.40
N ALA B 112 13.37 -11.80 -25.57
CA ALA B 112 14.35 -10.89 -24.95
C ALA B 112 15.01 -9.99 -25.98
N GLU B 113 15.35 -10.55 -27.15
CA GLU B 113 15.94 -9.77 -28.24
C GLU B 113 15.08 -8.58 -28.72
N ASN B 114 13.76 -8.70 -28.60
CA ASN B 114 12.82 -7.63 -28.99
C ASN B 114 12.53 -6.61 -27.88
N LEU B 115 13.02 -6.87 -26.68
CA LEU B 115 12.90 -5.99 -25.52
C LEU B 115 14.19 -5.22 -25.23
N ALA B 116 15.34 -5.74 -25.67
CA ALA B 116 16.66 -5.12 -25.43
C ALA B 116 16.73 -3.65 -25.85
N GLY B 117 17.16 -2.79 -24.92
CA GLY B 117 17.31 -1.36 -25.17
C GLY B 117 16.04 -0.51 -25.21
N LYS B 118 14.87 -1.13 -25.00
CA LYS B 118 13.60 -0.45 -25.05
C LYS B 118 13.01 -0.33 -23.66
N ILE B 119 12.19 0.70 -23.49
CA ILE B 119 11.44 0.88 -22.27
C ILE B 119 10.34 -0.18 -22.21
N LEU B 120 10.22 -0.83 -21.04
CA LEU B 120 9.20 -1.83 -20.76
CA LEU B 120 9.20 -1.84 -20.78
C LEU B 120 8.34 -1.30 -19.62
N VAL B 121 7.14 -0.81 -19.94
CA VAL B 121 6.22 -0.26 -18.94
C VAL B 121 5.47 -1.44 -18.33
N ASP B 122 5.69 -1.72 -17.05
CA ASP B 122 5.08 -2.85 -16.37
C ASP B 122 3.90 -2.42 -15.50
N ILE B 123 2.71 -2.83 -15.91
CA ILE B 123 1.46 -2.50 -15.19
C ILE B 123 0.88 -3.73 -14.46
N ALA B 124 1.49 -4.91 -14.61
CA ALA B 124 0.95 -6.12 -14.01
C ALA B 124 1.10 -6.19 -12.49
N ASN B 125 0.17 -6.90 -11.85
CA ASN B 125 0.23 -7.20 -10.42
C ASN B 125 0.33 -8.72 -10.29
N PRO B 126 1.31 -9.24 -9.51
CA PRO B 126 1.50 -10.68 -9.37
C PRO B 126 0.49 -11.29 -8.37
N LEU B 127 -0.80 -11.16 -8.70
CA LEU B 127 -1.88 -11.68 -7.88
C LEU B 127 -1.82 -13.20 -7.90
N ASP B 128 -2.11 -13.80 -6.74
CA ASP B 128 -2.08 -15.24 -6.52
C ASP B 128 -3.50 -15.65 -6.12
N PHE B 129 -4.19 -16.28 -7.07
CA PHE B 129 -5.55 -16.81 -6.89
C PHE B 129 -5.55 -18.32 -6.57
N SER B 130 -4.39 -18.92 -6.31
CA SER B 130 -4.28 -20.37 -6.12
C SER B 130 -4.87 -20.90 -4.80
N HIS B 131 -4.64 -20.17 -3.70
CA HIS B 131 -5.06 -20.62 -2.35
C HIS B 131 -6.00 -19.67 -1.62
N GLY B 132 -7.22 -19.55 -2.12
CA GLY B 132 -8.29 -18.75 -1.48
C GLY B 132 -8.40 -17.28 -1.87
N MSE B 133 -9.51 -16.67 -1.44
CA MSE B 133 -9.86 -15.26 -1.73
C MSE B 133 -9.85 -14.37 -0.47
O MSE B 133 -10.14 -14.87 0.63
CB MSE B 133 -11.22 -15.18 -2.40
CG MSE B 133 -11.29 -15.84 -3.77
SE MSE B 133 -10.20 -14.98 -5.13
CE MSE B 133 -11.13 -13.25 -5.24
N PRO B 134 -9.50 -13.06 -0.62
CA PRO B 134 -9.06 -12.38 -1.84
C PRO B 134 -7.65 -12.86 -2.23
N PRO B 135 -7.18 -12.50 -3.43
CA PRO B 135 -5.84 -12.95 -3.80
C PRO B 135 -4.74 -12.31 -2.96
N THR B 136 -3.60 -13.00 -2.87
CA THR B 136 -2.41 -12.52 -2.20
C THR B 136 -1.40 -12.22 -3.31
N LEU B 137 -0.16 -11.91 -2.93
CA LEU B 137 0.89 -11.60 -3.91
C LEU B 137 2.00 -12.66 -3.92
N ASN B 138 2.51 -12.96 -5.11
CA ASN B 138 3.63 -13.88 -5.28
C ASN B 138 4.35 -13.53 -6.60
N PRO B 139 5.59 -12.99 -6.52
CA PRO B 139 6.42 -12.69 -5.36
C PRO B 139 5.89 -11.53 -4.52
N VAL B 140 6.50 -11.33 -3.36
CA VAL B 140 6.13 -10.26 -2.46
C VAL B 140 7.22 -9.99 -1.42
N ASN B 141 7.25 -8.74 -0.93
CA ASN B 141 8.01 -8.33 0.25
C ASN B 141 9.51 -8.18 0.06
N THR B 142 10.19 -9.28 -0.24
CA THR B 142 11.63 -9.29 -0.51
C THR B 142 11.92 -9.37 -2.01
N ASP B 143 10.87 -9.38 -2.82
CA ASP B 143 10.96 -9.45 -4.26
C ASP B 143 9.66 -8.91 -4.85
N SER B 144 9.68 -8.63 -6.15
CA SER B 144 8.54 -8.06 -6.88
C SER B 144 8.51 -8.56 -8.31
N LEU B 145 7.33 -8.53 -8.93
CA LEU B 145 7.23 -8.86 -10.36
C LEU B 145 8.08 -7.91 -11.19
N GLY B 146 8.07 -6.61 -10.87
CA GLY B 146 8.88 -5.60 -11.57
C GLY B 146 10.36 -5.98 -11.59
N GLU B 147 10.89 -6.32 -10.41
CA GLU B 147 12.28 -6.80 -10.29
C GLU B 147 12.56 -8.08 -11.05
N GLN B 148 11.63 -9.04 -10.95
CA GLN B 148 11.76 -10.31 -11.68
C GLN B 148 11.87 -10.07 -13.18
N ILE B 149 11.00 -9.20 -13.70
CA ILE B 149 11.04 -8.86 -15.12
C ILE B 149 12.38 -8.21 -15.47
N GLN B 150 12.84 -7.26 -14.65
CA GLN B 150 14.08 -6.54 -14.96
C GLN B 150 15.31 -7.44 -14.96
N ARG B 151 15.43 -8.35 -13.99
CA ARG B 151 16.61 -9.25 -13.96
C ARG B 151 16.52 -10.42 -14.97
N THR B 152 15.31 -10.77 -15.39
CA THR B 152 15.12 -11.77 -16.46
C THR B 152 15.47 -11.17 -17.84
N PHE B 153 15.21 -9.87 -18.00
CA PHE B 153 15.50 -9.11 -19.23
C PHE B 153 16.36 -7.90 -18.86
N PRO B 154 17.65 -8.15 -18.48
CA PRO B 154 18.53 -7.08 -17.98
C PRO B 154 18.79 -5.91 -18.94
N GLU B 155 18.67 -6.15 -20.24
CA GLU B 155 18.89 -5.11 -21.24
C GLU B 155 17.63 -4.27 -21.53
N ALA B 156 16.46 -4.70 -21.04
CA ALA B 156 15.23 -3.89 -21.14
C ALA B 156 15.30 -2.82 -20.05
N LYS B 157 14.60 -1.71 -20.25
CA LYS B 157 14.56 -0.61 -19.27
C LYS B 157 13.19 -0.67 -18.62
N VAL B 158 13.09 -1.43 -17.54
CA VAL B 158 11.80 -1.66 -16.88
C VAL B 158 11.38 -0.46 -16.04
N VAL B 159 10.14 -0.02 -16.24
CA VAL B 159 9.51 1.02 -15.42
C VAL B 159 8.16 0.49 -14.90
N LYS B 160 8.05 0.31 -13.59
CA LYS B 160 6.80 -0.12 -12.96
C LYS B 160 5.95 1.12 -12.78
N THR B 161 4.71 1.09 -13.28
CA THR B 161 3.79 2.22 -13.13
C THR B 161 2.36 1.79 -13.45
N LEU B 162 1.39 2.56 -12.96
CA LEU B 162 -0.06 2.38 -13.25
C LEU B 162 -0.77 1.15 -12.66
N ASN B 163 -0.02 0.23 -12.06
CA ASN B 163 -0.59 -1.00 -11.46
C ASN B 163 -1.47 -0.77 -10.24
N THR B 164 -1.38 0.42 -9.64
CA THR B 164 -2.04 0.80 -8.40
C THR B 164 -3.46 1.36 -8.52
N MSE B 165 -4.03 1.38 -9.72
CA MSE B 165 -5.38 1.90 -9.94
C MSE B 165 -6.11 1.10 -11.01
O MSE B 165 -5.50 0.46 -11.87
CB MSE B 165 -5.30 3.36 -10.40
CG MSE B 165 -4.73 3.55 -11.81
SE MSE B 165 -4.15 5.34 -12.14
CE MSE B 165 -2.54 5.28 -11.06
N ASN B 166 -7.43 1.27 -11.00
CA ASN B 166 -8.31 0.65 -11.97
C ASN B 166 -7.95 1.12 -13.39
N ALA B 167 -8.13 0.23 -14.37
CA ALA B 167 -7.84 0.53 -15.78
C ALA B 167 -8.45 1.85 -16.25
N SER B 168 -9.71 2.09 -15.89
CA SER B 168 -10.44 3.32 -16.26
C SER B 168 -9.68 4.60 -15.89
N LEU B 169 -9.13 4.61 -14.69
CA LEU B 169 -8.38 5.76 -14.16
C LEU B 169 -6.98 5.91 -14.73
N MSE B 170 -6.43 4.88 -15.37
CA MSE B 170 -5.10 4.98 -16.00
C MSE B 170 -5.13 5.95 -17.18
O MSE B 170 -4.09 6.56 -17.50
CB MSE B 170 -4.61 3.64 -16.54
CG MSE B 170 -4.48 2.54 -15.54
SE MSE B 170 -3.89 0.88 -16.37
CE MSE B 170 -4.11 -0.30 -14.84
N VAL B 171 -6.29 6.08 -17.83
CA VAL B 171 -6.48 6.92 -19.04
C VAL B 171 -7.45 8.10 -18.88
N ASP B 172 -8.29 8.05 -17.85
CA ASP B 172 -9.20 9.12 -17.49
C ASP B 172 -9.23 9.25 -15.95
N PRO B 173 -8.08 9.65 -15.34
CA PRO B 173 -8.04 9.78 -13.87
C PRO B 173 -9.05 10.77 -13.27
N GLY B 174 -9.48 11.75 -14.08
CA GLY B 174 -10.52 12.72 -13.70
C GLY B 174 -11.86 12.16 -13.24
N ARG B 175 -12.15 10.88 -13.57
CA ARG B 175 -13.40 10.21 -13.15
C ARG B 175 -13.54 10.03 -11.64
N ALA B 176 -12.41 9.93 -10.92
CA ALA B 176 -12.40 9.76 -9.45
C ALA B 176 -11.92 11.03 -8.78
N ALA B 177 -12.81 11.68 -8.03
CA ALA B 177 -12.48 12.88 -7.23
C ALA B 177 -11.75 14.00 -8.00
N GLY B 178 -12.23 14.29 -9.22
CA GLY B 178 -11.63 15.31 -10.10
C GLY B 178 -10.17 15.09 -10.50
N GLY B 179 -9.71 13.85 -10.50
CA GLY B 179 -8.32 13.52 -10.83
C GLY B 179 -7.31 13.79 -9.73
N ASP B 180 -7.78 14.06 -8.51
CA ASP B 180 -6.91 14.30 -7.37
C ASP B 180 -6.31 12.94 -6.98
N HIS B 181 -5.10 12.65 -7.47
CA HIS B 181 -4.46 11.35 -7.22
C HIS B 181 -2.97 11.39 -7.50
N SER B 182 -2.28 10.32 -7.11
CA SER B 182 -0.85 10.10 -7.38
C SER B 182 -0.63 8.83 -8.18
N VAL B 183 0.38 8.88 -9.06
CA VAL B 183 0.84 7.72 -9.84
CA VAL B 183 0.84 7.71 -9.83
C VAL B 183 2.32 7.58 -9.52
N PHE B 184 2.82 6.35 -9.50
CA PHE B 184 4.21 6.07 -9.16
C PHE B 184 4.99 5.52 -10.31
N VAL B 185 6.29 5.83 -10.33
CA VAL B 185 7.23 5.20 -11.24
C VAL B 185 8.35 4.59 -10.40
N SER B 186 8.77 3.39 -10.78
CA SER B 186 9.91 2.67 -10.19
C SER B 186 10.75 2.14 -11.34
N GLY B 187 12.05 2.24 -11.24
CA GLY B 187 12.93 1.75 -12.32
C GLY B 187 14.36 2.17 -12.15
N ASN B 188 15.28 1.38 -12.71
CA ASN B 188 16.72 1.65 -12.58
C ASN B 188 17.25 2.77 -13.50
N ASP B 189 16.62 3.00 -14.65
CA ASP B 189 17.08 3.97 -15.65
C ASP B 189 16.28 5.26 -15.53
N ALA B 190 16.93 6.31 -15.00
CA ALA B 190 16.29 7.63 -14.79
C ALA B 190 15.74 8.26 -16.08
N ALA B 191 16.47 8.13 -17.20
CA ALA B 191 15.99 8.64 -18.51
C ALA B 191 14.74 7.90 -18.97
N ALA B 192 14.70 6.58 -18.75
CA ALA B 192 13.51 5.76 -19.04
C ALA B 192 12.31 6.24 -18.23
N LYS B 193 12.50 6.45 -16.93
CA LYS B 193 11.45 6.97 -16.05
C LYS B 193 10.97 8.35 -16.48
N ALA B 194 11.89 9.22 -16.94
CA ALA B 194 11.51 10.55 -17.44
C ALA B 194 10.60 10.44 -18.68
N GLU B 195 10.95 9.54 -19.61
CA GLU B 195 10.10 9.31 -20.79
C GLU B 195 8.72 8.78 -20.38
N VAL B 196 8.68 7.84 -19.44
CA VAL B 196 7.40 7.30 -18.95
C VAL B 196 6.59 8.40 -18.24
N ALA B 197 7.24 9.26 -17.45
CA ALA B 197 6.57 10.41 -16.79
C ALA B 197 5.88 11.35 -17.81
N THR B 198 6.55 11.58 -18.94
CA THR B 198 5.99 12.39 -20.02
C THR B 198 4.70 11.75 -20.57
N LEU B 199 4.76 10.43 -20.81
CA LEU B 199 3.59 9.70 -21.29
CA LEU B 199 3.58 9.69 -21.29
C LEU B 199 2.45 9.74 -20.26
N LEU B 200 2.79 9.53 -18.97
CA LEU B 200 1.81 9.58 -17.88
C LEU B 200 1.10 10.94 -17.82
N LYS B 201 1.87 12.02 -17.97
CA LYS B 201 1.31 13.37 -17.98
C LYS B 201 0.34 13.51 -19.15
N SER B 202 0.71 12.97 -20.32
CA SER B 202 -0.15 13.04 -21.52
C SER B 202 -1.49 12.30 -21.32
N LEU B 203 -1.50 11.29 -20.45
CA LEU B 203 -2.71 10.53 -20.07
C LEU B 203 -3.57 11.22 -18.97
N GLY B 204 -3.13 12.37 -18.46
CA GLY B 204 -3.87 13.14 -17.44
C GLY B 204 -3.35 13.04 -16.01
N HIS B 205 -2.21 12.36 -15.79
CA HIS B 205 -1.63 12.18 -14.45
C HIS B 205 -0.71 13.37 -14.12
N GLN B 206 -1.18 14.26 -13.25
CA GLN B 206 -0.43 15.48 -12.88
C GLN B 206 0.52 15.34 -11.70
N ASP B 207 0.44 14.21 -10.98
CA ASP B 207 1.30 13.96 -9.82
C ASP B 207 1.98 12.59 -9.94
N VAL B 208 3.16 12.61 -10.57
CA VAL B 208 3.96 11.42 -10.79
C VAL B 208 5.10 11.46 -9.77
N ILE B 209 5.15 10.44 -8.91
CA ILE B 209 6.16 10.31 -7.86
C ILE B 209 7.15 9.19 -8.20
N ASP B 210 8.43 9.54 -8.25
CA ASP B 210 9.49 8.58 -8.55
C ASP B 210 9.93 7.95 -7.22
N LEU B 211 9.53 6.70 -7.02
CA LEU B 211 9.84 5.97 -5.78
C LEU B 211 11.29 5.51 -5.67
N GLY B 212 12.00 5.45 -6.81
CA GLY B 212 13.38 5.04 -6.88
C GLY B 212 13.61 3.91 -7.87
N ASP B 213 14.54 3.01 -7.53
CA ASP B 213 14.94 1.92 -8.43
C ASP B 213 13.86 0.83 -8.56
N ILE B 214 14.14 -0.22 -9.34
CA ILE B 214 13.13 -1.25 -9.59
C ILE B 214 12.70 -2.02 -8.33
N THR B 215 13.56 -2.08 -7.31
CA THR B 215 13.19 -2.74 -6.03
C THR B 215 12.06 -1.97 -5.31
N THR B 216 11.83 -0.70 -5.66
CA THR B 216 10.69 0.07 -5.12
C THR B 216 9.34 -0.40 -5.74
N ALA B 217 9.37 -1.29 -6.75
CA ALA B 217 8.16 -1.95 -7.27
C ALA B 217 7.52 -2.84 -6.19
N ARG B 218 8.30 -3.25 -5.16
CA ARG B 218 7.77 -4.02 -4.02
C ARG B 218 6.66 -3.21 -3.33
N GLY B 219 6.98 -2.00 -2.88
CA GLY B 219 5.95 -1.13 -2.26
C GLY B 219 4.77 -0.82 -3.17
N ALA B 220 5.04 -0.55 -4.46
CA ALA B 220 3.97 -0.24 -5.44
C ALA B 220 3.01 -1.44 -5.63
N GLU B 221 3.58 -2.63 -5.81
CA GLU B 221 2.79 -3.87 -5.92
C GLU B 221 2.05 -4.18 -4.62
N MSE B 222 2.71 -3.93 -3.48
CA MSE B 222 2.13 -4.20 -2.15
C MSE B 222 0.97 -3.29 -1.71
O MSE B 222 0.42 -3.47 -0.60
CB MSE B 222 3.23 -4.29 -1.08
CG MSE B 222 4.10 -5.53 -1.31
SE MSE B 222 5.70 -5.49 -0.24
CE MSE B 222 4.88 -5.93 1.40
N LEU B 223 0.63 -2.30 -2.54
CA LEU B 223 -0.58 -1.49 -2.38
C LEU B 223 -1.84 -2.28 -2.79
N LEU B 224 -1.68 -3.36 -3.56
CA LEU B 224 -2.85 -4.13 -4.03
C LEU B 224 -3.75 -4.76 -2.96
N PRO B 225 -3.17 -5.40 -1.91
CA PRO B 225 -4.02 -5.93 -0.83
C PRO B 225 -4.98 -4.91 -0.23
N VAL B 226 -4.50 -3.68 0.06
CA VAL B 226 -5.42 -2.64 0.58
C VAL B 226 -6.34 -2.12 -0.53
N TRP B 227 -5.84 -2.07 -1.77
CA TRP B 227 -6.70 -1.69 -2.92
C TRP B 227 -7.94 -2.57 -2.98
N ILE B 228 -7.72 -3.88 -2.88
CA ILE B 228 -8.80 -4.89 -2.92
C ILE B 228 -9.82 -4.67 -1.79
N ARG B 229 -9.32 -4.41 -0.58
CA ARG B 229 -10.21 -4.14 0.56
C ARG B 229 -10.93 -2.79 0.44
N LEU B 230 -10.27 -1.79 -0.14
CA LEU B 230 -10.90 -0.50 -0.41
C LEU B 230 -12.03 -0.64 -1.44
N TRP B 231 -11.82 -1.46 -2.47
CA TRP B 231 -12.86 -1.76 -3.47
C TRP B 231 -14.12 -2.32 -2.77
N GLY B 232 -13.90 -3.24 -1.82
CA GLY B 232 -14.99 -3.80 -1.04
C GLY B 232 -15.62 -2.80 -0.09
N ALA B 233 -14.78 -2.07 0.65
CA ALA B 233 -15.25 -1.09 1.66
C ALA B 233 -16.00 0.09 1.06
N LEU B 234 -15.49 0.62 -0.06
CA LEU B 234 -16.08 1.78 -0.76
C LEU B 234 -17.15 1.44 -1.78
N GLY B 235 -17.29 0.15 -2.13
CA GLY B 235 -18.30 -0.30 -3.08
C GLY B 235 -18.07 0.10 -4.53
N THR B 236 -16.83 0.45 -4.87
CA THR B 236 -16.49 0.91 -6.21
C THR B 236 -15.00 0.81 -6.46
N ALA B 237 -14.63 0.65 -7.74
CA ALA B 237 -13.24 0.73 -8.17
C ALA B 237 -12.87 2.16 -8.58
N ASN B 238 -13.83 3.09 -8.56
CA ASN B 238 -13.60 4.50 -8.93
C ASN B 238 -13.07 5.30 -7.73
N PHE B 239 -11.85 4.96 -7.34
CA PHE B 239 -11.12 5.64 -6.28
C PHE B 239 -9.64 5.57 -6.61
N ASN B 240 -8.83 6.39 -5.94
CA ASN B 240 -7.40 6.34 -6.16
C ASN B 240 -6.61 6.79 -4.96
N PHE B 241 -5.34 6.39 -4.93
CA PHE B 241 -4.40 6.78 -3.88
C PHE B 241 -3.87 8.15 -4.23
N LYS B 242 -3.82 9.02 -3.22
CA LYS B 242 -3.19 10.35 -3.32
C LYS B 242 -2.20 10.47 -2.17
N ILE B 243 -0.97 10.88 -2.46
CA ILE B 243 0.01 11.13 -1.40
C ILE B 243 -0.09 12.61 -1.08
N ALA B 244 -0.68 12.92 0.07
CA ALA B 244 -0.89 14.29 0.52
C ALA B 244 0.37 14.81 1.21
N ARG B 245 0.95 15.91 0.70
CA ARG B 245 2.10 16.55 1.36
C ARG B 245 2.22 18.02 1.03
C ACT C . 7.31 2.73 11.05
O ACT C . 6.79 1.74 11.60
OXT ACT C . 6.58 3.42 10.30
CH3 ACT C . 8.75 3.10 11.26
PA NAP D . 9.92 1.24 18.99
O1A NAP D . 9.56 0.43 17.79
O2A NAP D . 11.37 1.47 19.11
O5B NAP D . 9.42 0.39 20.26
C5B NAP D . 9.82 0.78 21.56
C4B NAP D . 8.93 0.04 22.54
O4B NAP D . 8.98 -1.36 22.25
C3B NAP D . 9.39 0.24 23.98
O3B NAP D . 8.32 0.46 24.87
C2B NAP D . 10.09 -1.05 24.28
O2B NAP D . 10.03 -1.45 25.63
C1B NAP D . 9.33 -2.05 23.41
N9A NAP D . 10.20 -3.22 23.16
C8A NAP D . 11.35 -3.28 22.42
N7A NAP D . 11.83 -4.54 22.51
C5A NAP D . 11.01 -5.27 23.31
C6A NAP D . 11.02 -6.61 23.75
N6A NAP D . 11.94 -7.49 23.35
N1A NAP D . 9.99 -7.04 24.57
C2A NAP D . 8.98 -6.19 24.97
N3A NAP D . 8.98 -4.87 24.55
C4A NAP D . 9.98 -4.43 23.73
O3 NAP D . 9.10 2.59 19.20
PN NAP D . 8.38 3.55 18.14
O1N NAP D . 7.58 4.48 18.95
O2N NAP D . 9.37 4.10 17.19
O5D NAP D . 7.37 2.58 17.33
C5D NAP D . 6.39 1.84 18.01
C4D NAP D . 5.59 1.01 17.01
O4D NAP D . 4.85 1.88 16.17
C3D NAP D . 6.42 0.12 16.09
O3D NAP D . 5.79 -1.13 15.87
C2D NAP D . 6.49 0.90 14.79
O2D NAP D . 6.73 0.08 13.68
C1D NAP D . 5.12 1.58 14.81
N1N NAP D . 5.00 2.84 14.08
C2N NAP D . 5.96 3.82 14.21
C3N NAP D . 5.81 5.03 13.55
C7N NAP D . 6.74 6.17 13.83
O7N NAP D . 6.29 7.48 13.66
N7N NAP D . 7.95 5.90 14.27
C4N NAP D . 4.71 5.25 12.74
C5N NAP D . 3.74 4.25 12.61
C6N NAP D . 3.89 3.06 13.30
P2B NAP D . 10.76 -0.56 26.77
O1X NAP D . 9.86 0.61 27.05
O2X NAP D . 10.94 -1.42 28.00
O3X NAP D . 12.07 -0.12 26.17
CL CL E . -8.32 3.77 -33.10
C ACT F . -5.74 -5.91 -10.42
O ACT F . -6.46 -6.79 -10.93
OXT ACT F . -4.51 -6.11 -10.48
CH3 ACT F . -6.31 -4.68 -9.78
PA NAP G . -5.65 -10.36 -17.30
O1A NAP G . -4.96 -10.35 -16.00
O2A NAP G . -6.84 -11.25 -17.33
O5B NAP G . -4.57 -10.82 -18.39
C5B NAP G . -4.98 -11.21 -19.68
C4B NAP G . -3.75 -11.21 -20.57
O4B NAP G . -2.76 -12.07 -20.01
C3B NAP G . -4.07 -11.72 -21.97
O3B NAP G . -3.40 -10.95 -22.94
C2B NAP G . -3.52 -13.11 -21.95
O2B NAP G . -3.06 -13.59 -23.20
C1B NAP G . -2.36 -13.02 -20.97
N9A NAP G . -2.10 -14.35 -20.42
C8A NAP G . -2.93 -15.07 -19.59
N7A NAP G . -2.34 -16.25 -19.34
C5A NAP G . -1.16 -16.32 -19.99
C6A NAP G . -0.17 -17.31 -20.09
N6A NAP G . -0.38 -18.55 -19.65
N1A NAP G . 0.96 -17.05 -20.84
C2A NAP G . 1.11 -15.85 -21.53
N3A NAP G . 0.11 -14.89 -21.44
C4A NAP G . -1.00 -15.11 -20.68
O3 NAP G . -6.06 -8.94 -17.89
PN NAP G . -6.41 -7.57 -17.16
O1N NAP G . -6.45 -6.58 -18.25
O2N NAP G . -7.57 -7.72 -16.26
O5D NAP G . -5.10 -7.33 -16.23
C5D NAP G . -3.82 -7.21 -16.83
C4D NAP G . -2.74 -6.95 -15.78
O4D NAP G . -2.92 -5.67 -15.22
C3D NAP G . -2.73 -7.94 -14.61
O3D NAP G . -1.43 -8.27 -14.20
C2D NAP G . -3.48 -7.19 -13.51
O2D NAP G . -3.21 -7.61 -12.21
C1D NAP G . -3.02 -5.76 -13.80
N1N NAP G . -3.93 -4.68 -13.37
C2N NAP G . -5.26 -4.75 -13.67
C3N NAP G . -6.13 -3.71 -13.29
C7N NAP G . -7.57 -3.77 -13.72
O7N NAP G . -8.30 -2.59 -13.84
N7N NAP G . -8.13 -4.96 -13.95
C4N NAP G . -5.63 -2.60 -12.63
C5N NAP G . -4.26 -2.52 -12.35
C6N NAP G . -3.42 -3.56 -12.73
P2B NAP G . -4.10 -13.79 -24.42
O1X NAP G . -4.33 -12.42 -24.98
O2X NAP G . -3.47 -14.73 -25.40
O3X NAP G . -5.38 -14.33 -23.87
#